data_1EE8
#
_entry.id   1EE8
#
_cell.length_a   44.421
_cell.length_b   61.289
_cell.length_c   98.342
_cell.angle_alpha   90.00
_cell.angle_beta   91.71
_cell.angle_gamma   90.00
#
_symmetry.space_group_name_H-M   'P 1 21 1'
#
loop_
_entity.id
_entity.type
_entity.pdbx_description
1 polymer 'MUTM (FPG) PROTEIN'
2 non-polymer 'ZINC ION'
3 water water
#
_entity_poly.entity_id   1
_entity_poly.type   'polypeptide(L)'
_entity_poly.pdbx_seq_one_letter_code
;PELPEVETTRRRLRPLVLGQTLRQVVHRDPARYRNTALAEGRRILEVDRRGKFLLFALEGGVELVAHLGMTGGFRLEPTP
HTRAALVLEGRTLYFHDPRRFGRLFGVRRGDYREIPLLLRLGPEPLSEAFAFPGFFRGLKESARPLKALLLDQRLAAGVG
NIYADEALFRARLSPFRPARSLTEEEARRLYRALREVLAEAVELGGSTLSDQSYRQPDGLPGGFQTRHAVYGREGLPCPA
CGRPVERRVVAGRGTHFCPTCQGEGP
;
_entity_poly.pdbx_strand_id   A,B
#
# COMPACT_ATOMS: atom_id res chain seq x y z
N PRO A 1 1.97 -6.24 27.25
CA PRO A 1 2.36 -4.83 27.53
C PRO A 1 1.20 -3.84 27.62
N GLU A 2 1.30 -2.94 28.59
CA GLU A 2 0.28 -1.91 28.81
C GLU A 2 0.91 -0.54 28.57
N LEU A 3 0.16 0.52 28.83
CA LEU A 3 0.65 1.88 28.62
C LEU A 3 2.12 2.10 29.00
N PRO A 4 2.51 1.66 30.22
CA PRO A 4 3.91 1.86 30.61
C PRO A 4 4.96 1.18 29.73
N GLU A 5 4.71 -0.06 29.33
CA GLU A 5 5.65 -0.77 28.46
C GLU A 5 5.69 -0.17 27.06
N VAL A 6 4.53 0.18 26.53
CA VAL A 6 4.46 0.74 25.18
C VAL A 6 5.11 2.11 25.15
N GLU A 7 4.90 2.91 26.21
CA GLU A 7 5.49 4.24 26.28
C GLU A 7 7.00 4.10 26.36
N THR A 8 7.48 3.13 27.14
CA THR A 8 8.91 2.92 27.25
C THR A 8 9.48 2.55 25.88
N THR A 9 8.73 1.77 25.12
CA THR A 9 9.16 1.37 23.78
C THR A 9 9.25 2.63 22.89
N ARG A 10 8.23 3.47 22.98
CA ARG A 10 8.20 4.70 22.19
C ARG A 10 9.43 5.55 22.50
N ARG A 11 9.65 5.82 23.79
CA ARG A 11 10.79 6.63 24.21
C ARG A 11 12.14 6.01 23.82
N ARG A 12 12.26 4.69 23.91
CA ARG A 12 13.51 4.05 23.55
C ARG A 12 13.78 4.07 22.05
N LEU A 13 12.74 3.89 21.26
CA LEU A 13 12.89 3.87 19.81
C LEU A 13 13.07 5.23 19.15
N ARG A 14 12.39 6.27 19.66
CA ARG A 14 12.48 7.58 19.01
C ARG A 14 13.87 8.08 18.70
N PRO A 15 14.81 7.99 19.66
CA PRO A 15 16.18 8.47 19.40
C PRO A 15 16.90 7.61 18.36
N LEU A 16 16.34 6.42 18.10
CA LEU A 16 16.94 5.48 17.16
C LEU A 16 16.34 5.48 15.75
N VAL A 17 15.10 5.94 15.61
CA VAL A 17 14.45 5.90 14.31
C VAL A 17 14.02 7.24 13.73
N LEU A 18 13.90 8.25 14.58
CA LEU A 18 13.48 9.57 14.12
C LEU A 18 14.28 10.04 12.90
N GLY A 19 13.56 10.42 11.84
CA GLY A 19 14.23 10.90 10.64
C GLY A 19 14.82 9.85 9.72
N GLN A 20 14.75 8.59 10.13
CA GLN A 20 15.29 7.48 9.34
C GLN A 20 14.29 7.01 8.27
N THR A 21 14.81 6.54 7.15
CA THR A 21 13.96 6.04 6.10
C THR A 21 13.57 4.59 6.37
N LEU A 22 12.27 4.34 6.44
CA LEU A 22 11.79 2.98 6.63
C LEU A 22 11.80 2.38 5.22
N ARG A 23 12.87 1.67 4.89
CA ARG A 23 13.03 1.07 3.56
C ARG A 23 12.05 -0.06 3.30
N GLN A 24 11.83 -0.91 4.29
CA GLN A 24 10.91 -2.01 4.09
C GLN A 24 10.41 -2.63 5.39
N VAL A 25 9.25 -3.28 5.29
CA VAL A 25 8.64 -3.97 6.41
C VAL A 25 8.61 -5.39 5.88
N VAL A 26 9.51 -6.21 6.41
CA VAL A 26 9.64 -7.58 5.96
C VAL A 26 8.85 -8.58 6.80
N HIS A 27 8.07 -9.41 6.10
CA HIS A 27 7.29 -10.45 6.76
C HIS A 27 6.61 -11.29 5.68
N ARG A 28 5.97 -12.36 6.12
CA ARG A 28 5.23 -13.20 5.19
C ARG A 28 3.94 -13.65 5.89
N ASP A 29 3.24 -12.68 6.46
CA ASP A 29 1.97 -12.93 7.12
C ASP A 29 1.05 -11.75 6.90
N PRO A 30 0.53 -11.61 5.67
CA PRO A 30 -0.38 -10.51 5.32
C PRO A 30 -1.67 -10.55 6.13
N ALA A 31 -1.94 -11.68 6.80
CA ALA A 31 -3.14 -11.81 7.62
C ALA A 31 -3.02 -10.96 8.87
N ARG A 32 -1.84 -10.97 9.48
CA ARG A 32 -1.59 -10.23 10.72
C ARG A 32 -0.97 -8.84 10.47
N TYR A 33 -0.12 -8.74 9.47
CA TYR A 33 0.54 -7.48 9.14
C TYR A 33 -0.05 -7.02 7.83
N ARG A 34 -1.07 -6.17 7.96
CA ARG A 34 -1.84 -5.69 6.82
C ARG A 34 -1.42 -4.38 6.20
N ASN A 35 -1.36 -4.38 4.86
CA ASN A 35 -1.02 -3.20 4.10
C ASN A 35 0.27 -2.53 4.55
N THR A 36 1.28 -3.31 4.91
CA THR A 36 2.54 -2.72 5.36
C THR A 36 3.32 -2.08 4.21
N ALA A 37 3.07 -2.51 2.98
CA ALA A 37 3.78 -1.95 1.82
C ALA A 37 3.53 -0.44 1.72
N LEU A 38 2.41 0.00 2.29
CA LEU A 38 2.04 1.39 2.27
C LEU A 38 3.09 2.25 2.97
N ALA A 39 3.70 1.68 4.00
CA ALA A 39 4.71 2.37 4.80
C ALA A 39 6.12 2.38 4.22
N GLU A 40 6.38 1.48 3.29
CA GLU A 40 7.72 1.36 2.72
C GLU A 40 8.23 2.54 1.89
N GLY A 41 9.50 2.86 2.11
CA GLY A 41 10.15 3.94 1.39
C GLY A 41 9.73 5.32 1.89
N ARG A 42 9.51 5.45 3.19
CA ARG A 42 9.10 6.72 3.77
C ARG A 42 9.92 6.98 5.02
N ARG A 43 10.20 8.25 5.28
CA ARG A 43 10.97 8.58 6.46
C ARG A 43 10.06 8.59 7.67
N ILE A 44 10.60 8.17 8.80
CA ILE A 44 9.85 8.14 10.05
C ILE A 44 9.93 9.52 10.67
N LEU A 45 8.79 10.19 10.76
CA LEU A 45 8.73 11.54 11.33
C LEU A 45 8.44 11.57 12.82
N GLU A 46 7.79 10.53 13.33
CA GLU A 46 7.47 10.45 14.74
C GLU A 46 7.00 9.07 15.13
N VAL A 47 7.04 8.80 16.43
CA VAL A 47 6.57 7.53 16.98
C VAL A 47 5.63 7.94 18.11
N ASP A 48 4.33 7.86 17.85
CA ASP A 48 3.35 8.24 18.85
C ASP A 48 2.75 7.01 19.54
N ARG A 49 2.02 7.27 20.62
CA ARG A 49 1.37 6.21 21.36
C ARG A 49 -0.02 6.69 21.73
N ARG A 50 -1.00 5.85 21.47
CA ARG A 50 -2.38 6.14 21.82
C ARG A 50 -2.78 4.85 22.52
N GLY A 51 -3.11 4.95 23.80
CA GLY A 51 -3.47 3.77 24.56
C GLY A 51 -2.30 2.80 24.53
N LYS A 52 -2.55 1.60 24.05
CA LYS A 52 -1.52 0.57 23.96
C LYS A 52 -0.98 0.45 22.55
N PHE A 53 -1.39 1.37 21.67
CA PHE A 53 -0.92 1.33 20.29
C PHE A 53 0.31 2.18 20.07
N LEU A 54 1.17 1.70 19.19
CA LEU A 54 2.38 2.41 18.83
C LEU A 54 2.11 2.85 17.40
N LEU A 55 2.34 4.12 17.10
CA LEU A 55 2.10 4.62 15.75
C LEU A 55 3.34 5.30 15.17
N PHE A 56 3.82 4.79 14.04
CA PHE A 56 4.96 5.38 13.36
C PHE A 56 4.38 6.33 12.32
N ALA A 57 4.66 7.63 12.48
CA ALA A 57 4.17 8.63 11.53
C ALA A 57 5.19 8.68 10.40
N LEU A 58 4.73 8.42 9.18
CA LEU A 58 5.60 8.40 8.02
C LEU A 58 5.31 9.52 7.03
N GLU A 59 6.38 10.07 6.48
CA GLU A 59 6.28 11.16 5.52
C GLU A 59 5.33 10.77 4.38
N GLY A 60 4.41 11.66 4.03
CA GLY A 60 3.49 11.35 2.95
C GLY A 60 2.09 11.00 3.42
N GLY A 61 1.81 11.25 4.70
CA GLY A 61 0.49 10.98 5.25
C GLY A 61 0.13 9.52 5.49
N VAL A 62 1.10 8.75 5.97
CA VAL A 62 0.88 7.34 6.24
C VAL A 62 1.25 7.02 7.70
N GLU A 63 0.62 5.99 8.26
CA GLU A 63 0.92 5.57 9.61
C GLU A 63 1.05 4.05 9.67
N LEU A 64 2.05 3.57 10.40
CA LEU A 64 2.21 2.15 10.56
C LEU A 64 1.80 1.95 12.02
N VAL A 65 0.63 1.37 12.21
CA VAL A 65 0.13 1.16 13.56
C VAL A 65 0.54 -0.21 14.02
N ALA A 66 1.02 -0.29 15.26
CA ALA A 66 1.45 -1.55 15.82
C ALA A 66 0.73 -1.84 17.13
N HIS A 67 0.21 -3.05 17.23
CA HIS A 67 -0.48 -3.52 18.42
C HIS A 67 0.37 -4.69 18.88
N LEU A 68 0.98 -4.57 20.05
CA LEU A 68 1.86 -5.61 20.59
C LEU A 68 1.17 -6.89 21.03
N GLY A 69 0.01 -6.76 21.64
CA GLY A 69 -0.69 -7.95 22.10
C GLY A 69 -0.07 -8.43 23.40
N MET A 70 -0.21 -9.71 23.69
CA MET A 70 0.31 -10.27 24.94
C MET A 70 1.82 -10.44 25.05
N THR A 71 2.47 -10.78 23.93
CA THR A 71 3.91 -11.00 23.96
C THR A 71 4.68 -10.24 22.88
N GLY A 72 4.01 -9.31 22.23
CA GLY A 72 4.65 -8.56 21.16
C GLY A 72 5.60 -7.48 21.65
N GLY A 73 6.65 -7.23 20.87
CA GLY A 73 7.61 -6.22 21.23
C GLY A 73 8.62 -5.99 20.12
N PHE A 74 9.20 -4.80 20.10
CA PHE A 74 10.22 -4.46 19.10
C PHE A 74 11.56 -4.69 19.79
N ARG A 75 12.49 -5.36 19.09
CA ARG A 75 13.82 -5.65 19.63
C ARG A 75 14.89 -5.11 18.67
N LEU A 76 16.08 -4.84 19.19
CA LEU A 76 17.18 -4.36 18.37
C LEU A 76 18.00 -5.50 17.75
N GLU A 77 17.74 -6.72 18.21
CA GLU A 77 18.39 -7.92 17.69
C GLU A 77 17.30 -8.95 17.39
N PRO A 78 17.47 -9.75 16.33
CA PRO A 78 16.45 -10.74 16.00
C PRO A 78 16.32 -11.85 17.05
N THR A 79 15.13 -12.41 17.16
CA THR A 79 14.84 -13.47 18.13
C THR A 79 14.27 -14.68 17.40
N PRO A 80 14.23 -15.84 18.08
CA PRO A 80 13.68 -17.01 17.41
C PRO A 80 12.22 -16.82 16.99
N HIS A 81 11.53 -15.88 17.65
CA HIS A 81 10.13 -15.62 17.33
C HIS A 81 9.86 -14.29 16.65
N THR A 82 10.83 -13.82 15.88
CA THR A 82 10.65 -12.56 15.16
C THR A 82 9.72 -12.86 13.99
N ARG A 83 8.68 -12.04 13.86
CA ARG A 83 7.67 -12.21 12.81
C ARG A 83 7.79 -11.17 11.70
N ALA A 84 8.46 -10.07 11.99
CA ALA A 84 8.61 -9.04 10.96
C ALA A 84 9.81 -8.18 11.29
N ALA A 85 10.29 -7.44 10.30
CA ALA A 85 11.43 -6.57 10.52
C ALA A 85 11.21 -5.24 9.82
N LEU A 86 11.47 -4.15 10.53
CA LEU A 86 11.35 -2.82 9.97
C LEU A 86 12.79 -2.47 9.61
N VAL A 87 13.10 -2.53 8.33
CA VAL A 87 14.44 -2.25 7.85
C VAL A 87 14.62 -0.76 7.59
N LEU A 88 15.40 -0.11 8.45
CA LEU A 88 15.68 1.32 8.32
C LEU A 88 17.02 1.50 7.65
N GLU A 89 17.31 2.71 7.21
CA GLU A 89 18.58 2.94 6.53
C GLU A 89 19.74 2.72 7.49
N GLY A 90 19.58 3.15 8.74
CA GLY A 90 20.65 3.00 9.71
C GLY A 90 20.65 1.73 10.54
N ARG A 91 19.51 1.05 10.61
CA ARG A 91 19.41 -0.18 11.37
C ARG A 91 18.09 -0.89 11.13
N THR A 92 17.87 -1.97 11.88
CA THR A 92 16.65 -2.76 11.74
C THR A 92 15.98 -3.02 13.08
N LEU A 93 14.66 -2.95 13.10
CA LEU A 93 13.88 -3.22 14.30
C LEU A 93 13.16 -4.56 14.06
N TYR A 94 13.20 -5.45 15.03
CA TYR A 94 12.56 -6.76 14.86
C TYR A 94 11.32 -6.89 15.74
N PHE A 95 10.23 -7.34 15.14
CA PHE A 95 8.98 -7.53 15.87
C PHE A 95 8.93 -8.95 16.41
N HIS A 96 9.28 -9.06 17.68
CA HIS A 96 9.31 -10.32 18.42
C HIS A 96 7.90 -10.58 18.91
N ASP A 97 7.35 -11.76 18.63
CA ASP A 97 6.00 -12.06 19.09
C ASP A 97 5.71 -13.55 19.19
N PRO A 98 6.11 -14.16 20.31
CA PRO A 98 5.91 -15.58 20.59
C PRO A 98 4.47 -16.08 20.37
N ARG A 99 3.50 -15.44 21.01
CA ARG A 99 2.11 -15.88 20.90
C ARG A 99 1.31 -15.40 19.70
N ARG A 100 1.93 -14.55 18.88
CA ARG A 100 1.33 -14.03 17.65
C ARG A 100 0.04 -13.24 17.77
N PHE A 101 -0.12 -12.50 18.87
CA PHE A 101 -1.32 -11.68 19.04
C PHE A 101 -1.09 -10.30 18.44
N GLY A 102 0.17 -9.91 18.30
CA GLY A 102 0.48 -8.61 17.74
C GLY A 102 -0.05 -8.44 16.33
N ARG A 103 -0.28 -7.20 15.93
CA ARG A 103 -0.78 -6.90 14.60
C ARG A 103 -0.10 -5.62 14.10
N LEU A 104 -0.01 -5.47 12.78
CA LEU A 104 0.56 -4.28 12.18
C LEU A 104 -0.46 -3.79 11.17
N PHE A 105 -0.64 -2.47 11.10
CA PHE A 105 -1.60 -1.88 10.19
C PHE A 105 -1.01 -0.72 9.41
N GLY A 106 -0.97 -0.86 8.09
CA GLY A 106 -0.48 0.23 7.26
C GLY A 106 -1.74 0.99 6.91
N VAL A 107 -1.78 2.27 7.22
CA VAL A 107 -2.98 3.05 6.93
C VAL A 107 -2.69 4.49 6.57
N ARG A 108 -3.59 5.11 5.80
CA ARG A 108 -3.43 6.51 5.46
C ARG A 108 -3.61 7.15 6.84
N ARG A 109 -2.91 8.24 7.10
CA ARG A 109 -2.99 8.91 8.41
C ARG A 109 -4.43 9.19 8.85
N GLY A 110 -4.78 8.68 10.03
CA GLY A 110 -6.11 8.88 10.56
C GLY A 110 -7.15 7.84 10.21
N ASP A 111 -6.95 7.10 9.12
CA ASP A 111 -7.91 6.09 8.69
C ASP A 111 -7.86 4.86 9.58
N TYR A 112 -8.63 4.90 10.66
CA TYR A 112 -8.66 3.80 11.61
C TYR A 112 -9.88 2.90 11.49
N ARG A 113 -10.51 2.92 10.31
CA ARG A 113 -11.69 2.09 10.05
C ARG A 113 -11.41 0.63 10.35
N GLU A 114 -10.14 0.24 10.28
CA GLU A 114 -9.75 -1.15 10.55
C GLU A 114 -9.33 -1.31 12.00
N ILE A 115 -9.10 -0.19 12.68
CA ILE A 115 -8.67 -0.18 14.07
C ILE A 115 -9.60 0.77 14.85
N PRO A 116 -10.90 0.46 14.88
CA PRO A 116 -11.87 1.30 15.58
C PRO A 116 -11.59 1.60 17.06
N LEU A 117 -10.98 0.66 17.77
CA LEU A 117 -10.66 0.88 19.18
C LEU A 117 -9.86 2.17 19.30
N LEU A 118 -8.99 2.38 18.32
CA LEU A 118 -8.13 3.54 18.29
C LEU A 118 -8.94 4.83 18.17
N LEU A 119 -10.18 4.72 17.69
CA LEU A 119 -11.05 5.88 17.52
C LEU A 119 -11.89 6.23 18.74
N ARG A 120 -12.13 5.24 19.60
CA ARG A 120 -12.94 5.49 20.79
C ARG A 120 -12.15 5.56 22.10
N LEU A 121 -10.84 5.35 22.03
CA LEU A 121 -10.03 5.41 23.24
C LEU A 121 -10.32 6.66 24.05
N GLY A 122 -10.37 6.51 25.37
CA GLY A 122 -10.63 7.66 26.22
C GLY A 122 -9.39 8.52 26.33
N PRO A 123 -9.40 9.55 27.18
CA PRO A 123 -8.23 10.42 27.33
C PRO A 123 -7.00 9.67 27.82
N GLU A 124 -5.82 10.15 27.42
CA GLU A 124 -4.57 9.54 27.83
C GLU A 124 -4.36 9.83 29.33
N PRO A 125 -4.39 8.77 30.16
CA PRO A 125 -4.23 8.82 31.62
C PRO A 125 -3.23 9.83 32.18
N LEU A 126 -2.07 9.94 31.54
CA LEU A 126 -1.05 10.87 32.01
C LEU A 126 -1.10 12.22 31.29
N SER A 127 -2.30 12.65 30.93
CA SER A 127 -2.46 13.92 30.23
C SER A 127 -3.43 14.84 30.96
N GLU A 128 -3.43 16.10 30.56
CA GLU A 128 -4.31 17.11 31.14
C GLU A 128 -5.75 16.79 30.78
N ALA A 129 -5.92 16.01 29.71
CA ALA A 129 -7.24 15.62 29.24
C ALA A 129 -7.93 14.60 30.14
N PHE A 130 -7.14 13.83 30.88
CA PHE A 130 -7.72 12.85 31.79
C PHE A 130 -8.19 13.61 33.02
N ALA A 131 -9.49 13.91 33.08
CA ALA A 131 -10.08 14.68 34.17
C ALA A 131 -11.00 13.88 35.08
N PHE A 132 -11.03 14.26 36.35
CA PHE A 132 -11.85 13.57 37.35
C PHE A 132 -13.36 13.59 37.11
N PRO A 133 -13.92 14.75 36.73
CA PRO A 133 -15.36 14.80 36.48
C PRO A 133 -15.82 13.72 35.51
N GLY A 134 -15.17 13.66 34.35
CA GLY A 134 -15.51 12.65 33.36
C GLY A 134 -15.29 11.26 33.89
N PHE A 135 -14.12 11.06 34.52
CA PHE A 135 -13.77 9.76 35.09
C PHE A 135 -14.83 9.33 36.09
N PHE A 136 -15.14 10.22 37.03
CA PHE A 136 -16.14 9.93 38.05
C PHE A 136 -17.49 9.62 37.39
N ARG A 137 -17.92 10.47 36.47
CA ARG A 137 -19.19 10.25 35.78
C ARG A 137 -19.17 8.89 35.08
N GLY A 138 -18.03 8.55 34.48
CA GLY A 138 -17.90 7.29 33.79
C GLY A 138 -18.10 6.11 34.71
N LEU A 139 -17.74 6.28 35.97
CA LEU A 139 -17.88 5.21 36.94
C LEU A 139 -19.31 5.11 37.45
N LYS A 140 -19.94 6.26 37.66
CA LYS A 140 -21.31 6.30 38.17
C LYS A 140 -22.35 5.76 37.20
N GLU A 141 -21.95 5.55 35.95
CA GLU A 141 -22.87 5.03 34.94
C GLU A 141 -22.77 3.52 34.77
N SER A 142 -21.91 2.87 35.56
CA SER A 142 -21.74 1.43 35.42
C SER A 142 -22.03 0.60 36.66
N ALA A 143 -22.71 -0.52 36.44
CA ALA A 143 -23.02 -1.44 37.53
C ALA A 143 -21.99 -2.58 37.46
N ARG A 144 -21.17 -2.54 36.42
CA ARG A 144 -20.13 -3.56 36.23
C ARG A 144 -19.03 -3.37 37.25
N PRO A 145 -18.29 -4.44 37.56
CA PRO A 145 -17.19 -4.38 38.54
C PRO A 145 -16.19 -3.26 38.22
N LEU A 146 -15.75 -2.58 39.26
CA LEU A 146 -14.80 -1.49 39.14
C LEU A 146 -13.64 -1.80 38.19
N LYS A 147 -13.00 -2.94 38.37
CA LYS A 147 -11.88 -3.29 37.52
C LYS A 147 -12.23 -3.35 36.04
N ALA A 148 -13.41 -3.86 35.72
CA ALA A 148 -13.85 -3.95 34.32
C ALA A 148 -13.90 -2.55 33.70
N LEU A 149 -14.24 -1.55 34.50
CA LEU A 149 -14.29 -0.19 33.98
C LEU A 149 -12.88 0.36 33.80
N LEU A 150 -11.92 -0.19 34.53
CA LEU A 150 -10.55 0.27 34.39
C LEU A 150 -9.94 -0.34 33.13
N LEU A 151 -10.48 -1.48 32.71
CA LEU A 151 -10.00 -2.17 31.53
C LEU A 151 -10.70 -1.78 30.25
N ASP A 152 -11.86 -1.14 30.36
CA ASP A 152 -12.62 -0.73 29.17
C ASP A 152 -11.75 0.05 28.20
N GLN A 153 -11.05 1.05 28.74
CA GLN A 153 -10.16 1.91 27.96
C GLN A 153 -10.87 3.06 27.28
N ARG A 154 -12.17 3.16 27.49
CA ARG A 154 -12.95 4.25 26.96
C ARG A 154 -12.91 5.27 28.09
N LEU A 155 -12.59 4.77 29.28
CA LEU A 155 -12.48 5.60 30.47
C LEU A 155 -11.01 5.86 30.81
N ALA A 156 -10.19 4.84 30.61
CA ALA A 156 -8.76 4.93 30.89
C ALA A 156 -7.95 4.19 29.83
N ALA A 157 -7.60 4.88 28.75
CA ALA A 157 -6.84 4.26 27.67
C ALA A 157 -5.49 3.71 28.14
N GLY A 158 -5.11 2.55 27.61
CA GLY A 158 -3.83 1.98 27.95
C GLY A 158 -3.72 1.12 29.20
N VAL A 159 -4.78 1.07 30.01
CA VAL A 159 -4.75 0.29 31.23
C VAL A 159 -5.13 -1.18 31.04
N GLY A 160 -4.30 -2.05 31.60
CA GLY A 160 -4.54 -3.48 31.52
C GLY A 160 -4.60 -4.10 32.91
N ASN A 161 -4.48 -5.43 32.95
CA ASN A 161 -4.53 -6.15 34.22
C ASN A 161 -3.53 -5.69 35.28
N ILE A 162 -2.26 -5.59 34.89
CA ILE A 162 -1.21 -5.19 35.82
C ILE A 162 -1.47 -3.87 36.54
N TYR A 163 -1.63 -2.81 35.76
CA TYR A 163 -1.84 -1.51 36.35
C TYR A 163 -3.21 -1.27 36.95
N ALA A 164 -4.22 -2.02 36.49
CA ALA A 164 -5.53 -1.88 37.10
C ALA A 164 -5.39 -2.47 38.51
N ASP A 165 -4.87 -3.70 38.59
CA ASP A 165 -4.66 -4.37 39.87
C ASP A 165 -3.82 -3.48 40.82
N GLU A 166 -2.70 -2.97 40.33
CA GLU A 166 -1.84 -2.14 41.17
C GLU A 166 -2.49 -0.83 41.60
N ALA A 167 -3.25 -0.21 40.72
CA ALA A 167 -3.90 1.05 41.06
C ALA A 167 -4.95 0.82 42.13
N LEU A 168 -5.72 -0.24 41.96
CA LEU A 168 -6.77 -0.60 42.90
C LEU A 168 -6.21 -0.88 44.29
N PHE A 169 -5.05 -1.51 44.35
CA PHE A 169 -4.44 -1.78 45.64
C PHE A 169 -3.94 -0.50 46.26
N ARG A 170 -3.29 0.33 45.45
CA ARG A 170 -2.77 1.57 45.98
C ARG A 170 -3.91 2.41 46.55
N ALA A 171 -5.06 2.38 45.89
CA ALA A 171 -6.23 3.14 46.33
C ALA A 171 -7.06 2.39 47.37
N ARG A 172 -6.64 1.19 47.70
CA ARG A 172 -7.33 0.35 48.68
C ARG A 172 -8.81 0.17 48.36
N LEU A 173 -9.10 -0.24 47.12
CA LEU A 173 -10.47 -0.44 46.68
C LEU A 173 -10.68 -1.84 46.12
N SER A 174 -11.86 -2.39 46.32
CA SER A 174 -12.16 -3.71 45.83
C SER A 174 -12.29 -3.70 44.31
N PRO A 175 -11.63 -4.65 43.63
CA PRO A 175 -11.69 -4.73 42.17
C PRO A 175 -13.06 -5.24 41.74
N PHE A 176 -13.72 -5.95 42.64
CA PHE A 176 -15.00 -6.57 42.34
C PHE A 176 -16.30 -5.83 42.66
N ARG A 177 -16.22 -4.74 43.41
CA ARG A 177 -17.42 -4.00 43.75
C ARG A 177 -17.95 -3.23 42.54
N PRO A 178 -19.27 -2.99 42.50
CA PRO A 178 -19.86 -2.25 41.37
C PRO A 178 -19.16 -0.90 41.23
N ALA A 179 -18.85 -0.52 40.01
CA ALA A 179 -18.17 0.75 39.77
C ALA A 179 -18.94 1.95 40.33
N ARG A 180 -20.26 1.90 40.21
CA ARG A 180 -21.11 2.97 40.69
C ARG A 180 -21.20 3.06 42.22
N SER A 181 -20.88 1.95 42.88
CA SER A 181 -20.94 1.90 44.34
C SER A 181 -19.91 2.82 44.97
N LEU A 182 -18.94 3.28 44.18
CA LEU A 182 -17.90 4.16 44.71
C LEU A 182 -18.39 5.55 45.09
N THR A 183 -17.86 6.07 46.19
CA THR A 183 -18.22 7.42 46.62
C THR A 183 -17.25 8.31 45.86
N GLU A 184 -17.46 9.63 45.90
CA GLU A 184 -16.57 10.52 45.16
C GLU A 184 -15.17 10.52 45.76
N GLU A 185 -15.08 10.30 47.07
CA GLU A 185 -13.79 10.27 47.74
C GLU A 185 -13.05 9.01 47.31
N GLU A 186 -13.79 7.92 47.17
CA GLU A 186 -13.19 6.66 46.74
C GLU A 186 -12.73 6.81 45.29
N ALA A 187 -13.55 7.46 44.48
CA ALA A 187 -13.20 7.68 43.07
C ALA A 187 -11.97 8.56 42.94
N ARG A 188 -11.84 9.56 43.82
CA ARG A 188 -10.67 10.43 43.76
C ARG A 188 -9.40 9.66 44.11
N ARG A 189 -9.49 8.68 45.01
CA ARG A 189 -8.32 7.89 45.37
C ARG A 189 -7.88 7.04 44.18
N LEU A 190 -8.85 6.42 43.53
CA LEU A 190 -8.57 5.57 42.37
C LEU A 190 -8.00 6.40 41.24
N TYR A 191 -8.50 7.63 41.10
CA TYR A 191 -8.05 8.55 40.05
C TYR A 191 -6.58 8.88 40.25
N ARG A 192 -6.23 9.22 41.48
CA ARG A 192 -4.86 9.58 41.83
C ARG A 192 -3.91 8.38 41.78
N ALA A 193 -4.36 7.26 42.33
CA ALA A 193 -3.54 6.05 42.35
C ALA A 193 -3.20 5.59 40.93
N LEU A 194 -4.22 5.59 40.08
CA LEU A 194 -4.04 5.16 38.70
C LEU A 194 -2.97 5.99 37.99
N ARG A 195 -3.04 7.32 38.16
CA ARG A 195 -2.09 8.21 37.53
C ARG A 195 -0.66 8.06 38.08
N GLU A 196 -0.54 7.84 39.38
CA GLU A 196 0.77 7.68 40.02
C GLU A 196 1.45 6.38 39.61
N VAL A 197 0.68 5.29 39.61
CA VAL A 197 1.24 4.00 39.24
C VAL A 197 1.74 4.01 37.80
N LEU A 198 0.95 4.58 36.91
CA LEU A 198 1.35 4.64 35.50
C LEU A 198 2.58 5.50 35.36
N ALA A 199 2.56 6.67 35.98
CA ALA A 199 3.69 7.60 35.92
C ALA A 199 4.93 6.91 36.47
N GLU A 200 4.78 6.19 37.58
CA GLU A 200 5.89 5.47 38.18
C GLU A 200 6.37 4.34 37.27
N ALA A 201 5.43 3.58 36.72
CA ALA A 201 5.78 2.46 35.83
C ALA A 201 6.57 2.97 34.64
N VAL A 202 6.19 4.13 34.13
CA VAL A 202 6.90 4.73 33.00
C VAL A 202 8.32 5.07 33.42
N GLU A 203 8.45 5.69 34.58
CA GLU A 203 9.76 6.08 35.11
C GLU A 203 10.71 4.88 35.18
N LEU A 204 10.20 3.75 35.65
CA LEU A 204 11.00 2.54 35.78
C LEU A 204 11.06 1.66 34.53
N GLY A 205 10.55 2.17 33.41
CA GLY A 205 10.61 1.43 32.16
C GLY A 205 9.70 0.22 31.99
N GLY A 206 8.51 0.25 32.59
CA GLY A 206 7.59 -0.86 32.44
C GLY A 206 7.87 -2.02 33.37
N SER A 207 7.02 -3.06 33.29
CA SER A 207 7.14 -4.23 34.14
C SER A 207 7.53 -5.53 33.44
N THR A 208 8.60 -6.14 33.92
CA THR A 208 9.03 -7.42 33.37
C THR A 208 8.59 -8.46 34.38
N LEU A 209 7.59 -9.24 34.01
CA LEU A 209 7.03 -10.26 34.88
C LEU A 209 7.94 -11.48 35.04
N SER A 210 7.35 -12.57 35.53
CA SER A 210 8.10 -13.81 35.75
C SER A 210 8.44 -14.46 34.43
N ASP A 211 7.46 -14.48 33.52
CA ASP A 211 7.67 -15.08 32.20
C ASP A 211 8.80 -14.39 31.44
N GLN A 212 9.21 -13.23 31.93
CA GLN A 212 10.27 -12.46 31.30
C GLN A 212 9.87 -12.14 29.86
N SER A 213 8.57 -12.11 29.61
CA SER A 213 8.00 -11.84 28.30
C SER A 213 8.39 -10.45 27.77
N TYR A 214 8.18 -9.43 28.60
CA TYR A 214 8.50 -8.07 28.22
C TYR A 214 9.96 -7.67 28.46
N ARG A 215 10.52 -6.95 27.50
CA ARG A 215 11.88 -6.43 27.57
C ARG A 215 11.95 -5.20 26.69
N GLN A 216 12.75 -4.22 27.09
CA GLN A 216 12.91 -3.00 26.31
C GLN A 216 13.60 -3.39 25.01
N PRO A 217 13.65 -2.49 24.01
CA PRO A 217 14.28 -2.82 22.73
C PRO A 217 15.68 -3.46 22.79
N ASP A 218 16.57 -2.87 23.59
CA ASP A 218 17.92 -3.39 23.70
C ASP A 218 18.01 -4.74 24.43
N GLY A 219 16.93 -5.13 25.09
CA GLY A 219 16.93 -6.40 25.78
C GLY A 219 16.89 -6.30 27.30
N LEU A 220 17.18 -5.12 27.83
CA LEU A 220 17.16 -4.93 29.28
C LEU A 220 15.72 -4.99 29.80
N PRO A 221 15.52 -5.64 30.96
CA PRO A 221 14.17 -5.75 31.53
C PRO A 221 13.70 -4.43 32.16
N GLY A 222 12.39 -4.34 32.39
CA GLY A 222 11.86 -3.13 33.02
C GLY A 222 12.21 -3.21 34.50
N GLY A 223 11.76 -2.25 35.29
CA GLY A 223 12.07 -2.29 36.70
C GLY A 223 10.96 -1.91 37.65
N PHE A 224 9.71 -1.92 37.17
CA PHE A 224 8.58 -1.57 38.03
C PHE A 224 8.06 -2.77 38.79
N GLN A 225 8.38 -3.96 38.31
CA GLN A 225 7.92 -5.17 38.98
C GLN A 225 8.36 -5.24 40.44
N THR A 226 9.39 -4.47 40.80
CA THR A 226 9.89 -4.44 42.17
C THR A 226 8.94 -3.61 43.04
N ARG A 227 8.12 -2.79 42.39
CA ARG A 227 7.15 -1.95 43.10
C ARG A 227 5.78 -2.64 43.15
N HIS A 228 5.64 -3.78 42.49
CA HIS A 228 4.38 -4.50 42.50
C HIS A 228 3.96 -4.92 43.90
N ALA A 229 2.73 -4.59 44.27
CA ALA A 229 2.20 -4.92 45.58
C ALA A 229 1.38 -6.19 45.55
N VAL A 230 0.59 -6.38 44.49
CA VAL A 230 -0.26 -7.55 44.40
C VAL A 230 -0.18 -8.32 43.07
N TYR A 231 0.08 -7.63 41.97
CA TYR A 231 0.14 -8.34 40.69
C TYR A 231 1.25 -9.39 40.67
N GLY A 232 0.89 -10.59 40.21
CA GLY A 232 1.86 -11.67 40.13
C GLY A 232 2.40 -12.13 41.48
N ARG A 233 1.77 -11.70 42.58
CA ARG A 233 2.22 -12.10 43.90
C ARG A 233 1.22 -12.94 44.68
N GLU A 234 0.39 -13.70 43.97
CA GLU A 234 -0.60 -14.56 44.60
C GLU A 234 0.05 -15.46 45.65
N GLY A 235 -0.45 -15.41 46.87
CA GLY A 235 0.11 -16.25 47.92
C GLY A 235 1.19 -15.58 48.74
N LEU A 236 1.82 -14.54 48.19
CA LEU A 236 2.87 -13.83 48.90
C LEU A 236 2.21 -12.82 49.86
N PRO A 237 2.97 -12.32 50.85
CA PRO A 237 2.49 -11.35 51.84
C PRO A 237 2.15 -9.97 51.29
N CYS A 238 0.97 -9.46 51.64
CA CYS A 238 0.60 -8.11 51.22
C CYS A 238 1.68 -7.22 51.83
N PRO A 239 2.08 -6.16 51.12
CA PRO A 239 3.13 -5.30 51.70
C PRO A 239 2.62 -4.35 52.79
N ALA A 240 1.30 -4.30 52.96
CA ALA A 240 0.72 -3.41 53.95
C ALA A 240 0.24 -4.10 55.23
N CYS A 241 -0.34 -5.30 55.09
CA CYS A 241 -0.85 -6.02 56.27
C CYS A 241 -0.26 -7.41 56.46
N GLY A 242 0.62 -7.82 55.56
CA GLY A 242 1.25 -9.13 55.67
C GLY A 242 0.38 -10.34 55.35
N ARG A 243 -0.90 -10.13 55.06
CA ARG A 243 -1.79 -11.23 54.74
C ARG A 243 -1.50 -11.75 53.32
N PRO A 244 -1.81 -13.02 53.05
CA PRO A 244 -1.58 -13.62 51.72
C PRO A 244 -2.38 -12.98 50.58
N VAL A 245 -1.68 -12.51 49.55
CA VAL A 245 -2.34 -11.89 48.40
C VAL A 245 -3.16 -12.96 47.68
N GLU A 246 -4.39 -12.63 47.33
CA GLU A 246 -5.26 -13.57 46.62
C GLU A 246 -5.43 -13.23 45.15
N ARG A 247 -5.90 -14.21 44.38
CA ARG A 247 -6.11 -14.02 42.97
C ARG A 247 -7.41 -14.68 42.51
N ARG A 248 -8.43 -13.86 42.28
CA ARG A 248 -9.72 -14.35 41.83
C ARG A 248 -9.75 -14.37 40.30
N VAL A 249 -10.22 -15.49 39.74
CA VAL A 249 -10.31 -15.60 38.28
C VAL A 249 -11.77 -15.52 37.87
N VAL A 250 -12.03 -14.76 36.81
CA VAL A 250 -13.39 -14.59 36.30
C VAL A 250 -13.40 -14.87 34.80
N ALA A 251 -13.78 -16.08 34.43
CA ALA A 251 -13.83 -16.48 33.03
C ALA A 251 -12.51 -16.13 32.36
N GLY A 252 -11.45 -16.87 32.72
CA GLY A 252 -10.14 -16.62 32.15
C GLY A 252 -9.72 -15.18 32.38
N ARG A 253 -9.68 -14.76 33.63
CA ARG A 253 -9.29 -13.39 33.96
C ARG A 253 -8.88 -13.31 35.42
N GLY A 254 -7.58 -13.24 35.65
CA GLY A 254 -7.08 -13.14 37.00
C GLY A 254 -7.03 -11.71 37.50
N THR A 255 -7.21 -11.54 38.80
CA THR A 255 -7.18 -10.22 39.42
C THR A 255 -6.55 -10.38 40.80
N HIS A 256 -5.40 -9.74 40.99
CA HIS A 256 -4.68 -9.82 42.26
C HIS A 256 -5.14 -8.72 43.20
N PHE A 257 -5.26 -9.04 44.50
CA PHE A 257 -5.72 -8.07 45.48
C PHE A 257 -5.56 -8.62 46.90
N CYS A 258 -5.58 -7.71 47.88
CA CYS A 258 -5.50 -8.10 49.28
C CYS A 258 -6.92 -7.96 49.78
N PRO A 259 -7.54 -9.08 50.20
CA PRO A 259 -8.91 -9.03 50.69
C PRO A 259 -9.09 -8.04 51.83
N THR A 260 -8.21 -8.11 52.83
CA THR A 260 -8.33 -7.21 53.96
C THR A 260 -8.14 -5.74 53.58
N CYS A 261 -6.99 -5.42 52.99
CA CYS A 261 -6.70 -4.04 52.61
C CYS A 261 -7.60 -3.43 51.54
N GLN A 262 -8.26 -4.27 50.75
CA GLN A 262 -9.12 -3.76 49.69
C GLN A 262 -10.61 -4.01 49.86
N GLY A 263 -11.06 -4.05 51.11
CA GLY A 263 -12.47 -4.22 51.40
C GLY A 263 -13.16 -5.48 50.92
N GLU A 264 -12.46 -6.61 50.97
CA GLU A 264 -13.02 -7.89 50.56
C GLU A 264 -12.80 -8.90 51.67
N GLY A 265 -12.41 -10.12 51.31
CA GLY A 265 -12.17 -11.15 52.30
C GLY A 265 -13.44 -11.71 52.92
N PRO A 266 -13.86 -12.92 52.51
CA PRO A 266 -15.07 -13.57 53.03
C PRO A 266 -14.88 -14.16 54.43
N PRO B 1 -4.74 3.59 -28.70
CA PRO B 1 -3.42 4.12 -28.25
C PRO B 1 -2.39 3.01 -28.23
N GLU B 2 -1.39 3.14 -29.09
CA GLU B 2 -0.33 2.15 -29.19
C GLU B 2 1.00 2.74 -28.73
N LEU B 3 2.09 2.03 -28.94
CA LEU B 3 3.40 2.51 -28.49
C LEU B 3 3.71 3.96 -28.88
N PRO B 4 3.46 4.34 -30.13
CA PRO B 4 3.77 5.73 -30.47
C PRO B 4 2.95 6.76 -29.69
N GLU B 5 1.67 6.50 -29.52
CA GLU B 5 0.83 7.43 -28.78
C GLU B 5 1.22 7.48 -27.30
N VAL B 6 1.46 6.32 -26.71
CA VAL B 6 1.83 6.23 -25.30
C VAL B 6 3.23 6.82 -25.05
N GLU B 7 4.15 6.62 -25.98
CA GLU B 7 5.50 7.16 -25.84
C GLU B 7 5.42 8.68 -25.92
N THR B 8 4.55 9.20 -26.80
CA THR B 8 4.37 10.64 -26.93
C THR B 8 3.80 11.18 -25.60
N THR B 9 2.88 10.44 -25.02
CA THR B 9 2.27 10.84 -23.75
C THR B 9 3.34 10.88 -22.67
N ARG B 10 4.16 9.84 -22.63
CA ARG B 10 5.23 9.78 -21.65
C ARG B 10 6.15 11.00 -21.77
N ARG B 11 6.55 11.33 -22.99
CA ARG B 11 7.42 12.47 -23.22
C ARG B 11 6.78 13.80 -22.86
N ARG B 12 5.48 13.92 -23.15
CA ARG B 12 4.76 15.15 -22.84
C ARG B 12 4.38 15.31 -21.38
N LEU B 13 4.24 14.20 -20.66
CA LEU B 13 3.89 14.28 -19.25
C LEU B 13 5.08 14.60 -18.35
N ARG B 14 6.28 14.16 -18.74
CA ARG B 14 7.46 14.36 -17.91
C ARG B 14 7.64 15.80 -17.45
N PRO B 15 7.64 16.77 -18.37
CA PRO B 15 7.82 18.18 -17.99
C PRO B 15 6.75 18.67 -17.02
N LEU B 16 5.56 18.08 -17.11
CA LEU B 16 4.44 18.48 -16.27
C LEU B 16 4.34 17.77 -14.92
N VAL B 17 5.03 16.66 -14.76
CA VAL B 17 4.93 15.93 -13.51
C VAL B 17 6.22 15.64 -12.74
N LEU B 18 7.36 15.60 -13.43
CA LEU B 18 8.61 15.31 -12.73
C LEU B 18 8.85 16.22 -11.52
N GLY B 19 9.15 15.61 -10.38
CA GLY B 19 9.43 16.39 -9.18
C GLY B 19 8.21 16.70 -8.32
N GLN B 20 7.00 16.55 -8.87
CA GLN B 20 5.80 16.85 -8.11
C GLN B 20 5.39 15.72 -7.19
N THR B 21 4.80 16.07 -6.06
CA THR B 21 4.33 15.06 -5.14
C THR B 21 2.96 14.60 -5.64
N LEU B 22 2.78 13.29 -5.71
CA LEU B 22 1.50 12.71 -6.09
C LEU B 22 0.79 12.65 -4.76
N ARG B 23 -0.08 13.61 -4.50
CA ARG B 23 -0.83 13.71 -3.26
C ARG B 23 -1.84 12.61 -3.05
N GLN B 24 -2.65 12.37 -4.07
CA GLN B 24 -3.65 11.31 -4.00
C GLN B 24 -4.05 10.80 -5.36
N VAL B 25 -4.55 9.58 -5.35
CA VAL B 25 -5.04 8.94 -6.55
C VAL B 25 -6.49 8.72 -6.13
N VAL B 26 -7.35 9.60 -6.63
CA VAL B 26 -8.75 9.57 -6.29
C VAL B 26 -9.56 8.73 -7.27
N HIS B 27 -10.34 7.80 -6.73
CA HIS B 27 -11.18 6.97 -7.57
C HIS B 27 -12.20 6.25 -6.69
N ARG B 28 -13.08 5.49 -7.32
CA ARG B 28 -14.10 4.76 -6.59
C ARG B 28 -14.26 3.39 -7.24
N ASP B 29 -13.13 2.79 -7.64
CA ASP B 29 -13.15 1.49 -8.31
C ASP B 29 -11.91 0.66 -8.00
N PRO B 30 -11.83 0.10 -6.78
CA PRO B 30 -10.68 -0.71 -6.36
C PRO B 30 -10.47 -1.98 -7.19
N ALA B 31 -11.43 -2.32 -8.04
CA ALA B 31 -11.30 -3.48 -8.90
C ALA B 31 -10.44 -3.15 -10.12
N ARG B 32 -10.55 -1.91 -10.62
CA ARG B 32 -9.77 -1.50 -11.80
C ARG B 32 -8.53 -0.71 -11.41
N TYR B 33 -8.61 -0.02 -10.28
CA TYR B 33 -7.49 0.79 -9.80
C TYR B 33 -7.06 0.13 -8.49
N ARG B 34 -6.08 -0.75 -8.64
CA ARG B 34 -5.55 -1.57 -7.56
C ARG B 34 -4.40 -1.02 -6.75
N ASN B 35 -4.57 -1.06 -5.43
CA ASN B 35 -3.56 -0.60 -4.47
C ASN B 35 -2.97 0.76 -4.77
N THR B 36 -3.82 1.69 -5.20
CA THR B 36 -3.32 3.01 -5.52
C THR B 36 -2.83 3.78 -4.29
N ALA B 37 -3.34 3.41 -3.11
CA ALA B 37 -2.94 4.09 -1.88
C ALA B 37 -1.44 3.99 -1.69
N LEU B 38 -0.86 2.96 -2.27
CA LEU B 38 0.57 2.73 -2.16
C LEU B 38 1.36 3.88 -2.80
N ALA B 39 0.80 4.45 -3.85
CA ALA B 39 1.47 5.53 -4.59
C ALA B 39 1.32 6.92 -3.98
N GLU B 40 0.35 7.09 -3.09
CA GLU B 40 0.08 8.40 -2.52
C GLU B 40 1.13 8.94 -1.56
N GLY B 41 1.30 10.25 -1.61
CA GLY B 41 2.27 10.93 -0.76
C GLY B 41 3.71 10.66 -1.18
N ARG B 42 3.94 10.50 -2.48
CA ARG B 42 5.29 10.23 -3.00
C ARG B 42 5.62 11.15 -4.17
N ARG B 43 6.87 11.57 -4.24
CA ARG B 43 7.32 12.45 -5.31
C ARG B 43 7.54 11.65 -6.59
N ILE B 44 7.13 12.21 -7.73
CA ILE B 44 7.29 11.53 -9.00
C ILE B 44 8.73 11.76 -9.50
N LEU B 45 9.49 10.68 -9.67
CA LEU B 45 10.87 10.79 -10.10
C LEU B 45 11.10 10.59 -11.59
N GLU B 46 10.20 9.85 -12.24
CA GLU B 46 10.30 9.61 -13.67
C GLU B 46 9.02 9.01 -14.21
N VAL B 47 8.91 9.02 -15.53
CA VAL B 47 7.77 8.44 -16.22
C VAL B 47 8.37 7.53 -17.28
N ASP B 48 8.16 6.23 -17.13
CA ASP B 48 8.69 5.28 -18.09
C ASP B 48 7.53 4.66 -18.86
N ARG B 49 7.86 3.85 -19.84
CA ARG B 49 6.85 3.19 -20.64
C ARG B 49 7.36 1.80 -20.97
N ARG B 50 6.45 0.84 -20.96
CA ARG B 50 6.78 -0.52 -21.32
C ARG B 50 5.55 -0.91 -22.13
N GLY B 51 5.74 -1.23 -23.41
CA GLY B 51 4.60 -1.56 -24.23
C GLY B 51 3.67 -0.38 -24.28
N LYS B 52 2.41 -0.61 -23.90
CA LYS B 52 1.40 0.44 -23.88
C LYS B 52 1.17 0.92 -22.46
N PHE B 53 1.92 0.37 -21.51
CA PHE B 53 1.77 0.78 -20.11
C PHE B 53 2.65 1.97 -19.80
N LEU B 54 2.10 2.85 -18.97
CA LEU B 54 2.80 4.04 -18.51
C LEU B 54 3.20 3.69 -17.08
N LEU B 55 4.44 3.96 -16.70
CA LEU B 55 4.89 3.65 -15.35
C LEU B 55 5.51 4.82 -14.65
N PHE B 56 4.81 5.35 -13.65
CA PHE B 56 5.30 6.49 -12.88
C PHE B 56 6.23 5.99 -11.78
N ALA B 57 7.51 6.36 -11.86
CA ALA B 57 8.47 5.96 -10.84
C ALA B 57 8.28 6.89 -9.64
N LEU B 58 7.98 6.32 -8.48
CA LEU B 58 7.74 7.12 -7.29
C LEU B 58 8.80 6.94 -6.23
N GLU B 59 9.07 8.02 -5.50
CA GLU B 59 10.08 8.00 -4.45
C GLU B 59 9.80 6.92 -3.41
N GLY B 60 10.83 6.18 -3.03
CA GLY B 60 10.63 5.13 -2.05
C GLY B 60 10.44 3.77 -2.65
N GLY B 61 10.85 3.60 -3.90
CA GLY B 61 10.75 2.30 -4.55
C GLY B 61 9.37 1.79 -4.96
N VAL B 62 8.50 2.68 -5.40
CA VAL B 62 7.16 2.28 -5.83
C VAL B 62 6.87 2.79 -7.23
N GLU B 63 5.98 2.10 -7.94
CA GLU B 63 5.60 2.51 -9.27
C GLU B 63 4.07 2.48 -9.38
N LEU B 64 3.54 3.43 -10.14
CA LEU B 64 2.11 3.50 -10.39
C LEU B 64 2.02 3.12 -11.87
N VAL B 65 1.55 1.91 -12.14
CA VAL B 65 1.43 1.43 -13.51
C VAL B 65 0.07 1.81 -14.07
N ALA B 66 0.07 2.41 -15.25
CA ALA B 66 -1.18 2.80 -15.90
C ALA B 66 -1.36 2.06 -17.22
N HIS B 67 -2.52 1.44 -17.38
CA HIS B 67 -2.84 0.74 -18.62
C HIS B 67 -3.82 1.66 -19.35
N LEU B 68 -3.39 2.19 -20.48
CA LEU B 68 -4.20 3.14 -21.26
C LEU B 68 -5.12 2.52 -22.32
N GLY B 69 -5.45 1.25 -22.09
CA GLY B 69 -6.33 0.49 -22.96
C GLY B 69 -6.73 1.04 -24.31
N MET B 70 -8.04 1.20 -24.51
CA MET B 70 -8.53 1.71 -25.78
C MET B 70 -9.47 2.89 -25.66
N THR B 71 -9.07 3.86 -24.85
CA THR B 71 -9.81 5.09 -24.62
C THR B 71 -9.13 5.82 -23.47
N GLY B 72 -8.75 5.04 -22.48
CA GLY B 72 -8.08 5.59 -21.32
C GLY B 72 -6.88 6.44 -21.65
N GLY B 73 -6.99 7.75 -21.43
CA GLY B 73 -5.91 8.71 -21.66
C GLY B 73 -5.97 9.79 -20.58
N PHE B 74 -4.82 10.38 -20.24
CA PHE B 74 -4.77 11.43 -19.21
C PHE B 74 -5.06 12.83 -19.76
N ARG B 75 -5.84 13.60 -19.02
CA ARG B 75 -6.19 14.96 -19.43
C ARG B 75 -5.83 15.95 -18.34
N LEU B 76 -5.65 17.21 -18.74
CA LEU B 76 -5.31 18.26 -17.78
C LEU B 76 -6.56 18.89 -17.19
N GLU B 77 -7.72 18.52 -17.71
CA GLU B 77 -8.99 19.03 -17.17
C GLU B 77 -9.96 17.87 -17.10
N PRO B 78 -10.88 17.90 -16.13
CA PRO B 78 -11.85 16.82 -15.96
C PRO B 78 -12.82 16.69 -17.13
N THR B 79 -13.28 15.47 -17.34
CA THR B 79 -14.21 15.16 -18.42
C THR B 79 -15.35 14.37 -17.81
N PRO B 80 -16.48 14.28 -18.53
CA PRO B 80 -17.63 13.54 -18.00
C PRO B 80 -17.31 12.10 -17.65
N HIS B 81 -16.38 11.49 -18.39
CA HIS B 81 -16.01 10.11 -18.11
C HIS B 81 -14.65 9.91 -17.45
N THR B 82 -14.28 10.87 -16.62
CA THR B 82 -13.04 10.78 -15.87
C THR B 82 -13.33 9.75 -14.78
N ARG B 83 -12.52 8.70 -14.68
CA ARG B 83 -12.75 7.67 -13.66
C ARG B 83 -11.78 7.74 -12.49
N ALA B 84 -10.70 8.50 -12.66
CA ALA B 84 -9.71 8.61 -11.59
C ALA B 84 -8.96 9.92 -11.75
N ALA B 85 -8.34 10.36 -10.68
CA ALA B 85 -7.57 11.58 -10.76
C ALA B 85 -6.26 11.44 -9.98
N LEU B 86 -5.19 11.93 -10.59
CA LEU B 86 -3.87 11.91 -9.96
C LEU B 86 -3.66 13.37 -9.55
N VAL B 87 -3.82 13.63 -8.27
CA VAL B 87 -3.70 14.99 -7.73
C VAL B 87 -2.26 15.28 -7.31
N LEU B 88 -1.63 16.18 -8.06
CA LEU B 88 -0.25 16.57 -7.78
C LEU B 88 -0.25 17.87 -7.00
N GLU B 89 0.94 18.35 -6.65
CA GLU B 89 1.06 19.59 -5.91
C GLU B 89 0.65 20.77 -6.77
N GLY B 90 1.08 20.79 -8.03
CA GLY B 90 0.75 21.90 -8.91
C GLY B 90 -0.36 21.70 -9.92
N ARG B 91 -0.76 20.45 -10.15
CA ARG B 91 -1.82 20.19 -11.10
C ARG B 91 -2.43 18.83 -10.89
N THR B 92 -3.46 18.52 -11.66
CA THR B 92 -4.13 17.23 -11.55
C THR B 92 -4.28 16.59 -12.92
N LEU B 93 -4.04 15.29 -12.98
CA LEU B 93 -4.19 14.54 -14.22
C LEU B 93 -5.46 13.73 -14.09
N TYR B 94 -6.33 13.84 -15.08
CA TYR B 94 -7.59 13.11 -15.06
C TYR B 94 -7.56 11.96 -16.04
N PHE B 95 -7.95 10.79 -15.55
CA PHE B 95 -7.96 9.59 -16.37
C PHE B 95 -9.31 9.44 -17.10
N HIS B 96 -9.33 9.89 -18.35
CA HIS B 96 -10.54 9.82 -19.18
C HIS B 96 -10.68 8.38 -19.68
N ASP B 97 -11.72 7.68 -19.21
CA ASP B 97 -11.90 6.28 -19.63
C ASP B 97 -13.38 5.92 -19.80
N PRO B 98 -14.00 6.34 -20.90
CA PRO B 98 -15.41 6.07 -21.19
C PRO B 98 -15.82 4.61 -21.04
N ARG B 99 -15.05 3.70 -21.63
CA ARG B 99 -15.38 2.29 -21.60
C ARG B 99 -14.70 1.43 -20.52
N ARG B 100 -14.19 2.09 -19.50
CA ARG B 100 -13.54 1.44 -18.37
C ARG B 100 -12.54 0.34 -18.67
N PHE B 101 -11.78 0.49 -19.75
CA PHE B 101 -10.75 -0.48 -20.09
C PHE B 101 -9.45 -0.14 -19.37
N GLY B 102 -9.35 1.08 -18.86
CA GLY B 102 -8.13 1.49 -18.17
C GLY B 102 -7.91 0.79 -16.85
N ARG B 103 -6.65 0.77 -16.41
CA ARG B 103 -6.28 0.15 -15.15
C ARG B 103 -5.13 0.94 -14.51
N LEU B 104 -5.03 0.85 -13.19
CA LEU B 104 -3.95 1.49 -12.43
C LEU B 104 -3.52 0.44 -11.42
N PHE B 105 -2.21 0.35 -11.20
CA PHE B 105 -1.68 -0.62 -10.26
C PHE B 105 -0.58 0.00 -9.43
N GLY B 106 -0.79 0.07 -8.12
CA GLY B 106 0.24 0.60 -7.25
C GLY B 106 1.08 -0.61 -6.90
N VAL B 107 2.35 -0.60 -7.25
CA VAL B 107 3.21 -1.74 -6.97
C VAL B 107 4.60 -1.36 -6.51
N ARG B 108 5.30 -2.32 -5.90
CA ARG B 108 6.68 -2.10 -5.49
C ARG B 108 7.41 -2.13 -6.83
N ARG B 109 8.45 -1.30 -6.97
CA ARG B 109 9.17 -1.23 -8.23
C ARG B 109 9.50 -2.60 -8.83
N GLY B 110 9.12 -2.79 -10.09
CA GLY B 110 9.40 -4.04 -10.79
C GLY B 110 8.54 -5.25 -10.48
N ASP B 111 7.69 -5.15 -9.46
CA ASP B 111 6.82 -6.27 -9.09
C ASP B 111 5.54 -6.27 -9.92
N TYR B 112 5.55 -7.03 -11.01
CA TYR B 112 4.39 -7.08 -11.90
C TYR B 112 3.64 -8.41 -11.89
N ARG B 113 3.80 -9.18 -10.82
CA ARG B 113 3.12 -10.46 -10.71
C ARG B 113 1.62 -10.37 -10.95
N GLU B 114 1.01 -9.28 -10.50
CA GLU B 114 -0.44 -9.11 -10.67
C GLU B 114 -0.80 -8.44 -11.99
N ILE B 115 0.18 -8.18 -12.84
CA ILE B 115 -0.07 -7.55 -14.12
C ILE B 115 0.48 -8.49 -15.18
N PRO B 116 -0.26 -9.58 -15.49
CA PRO B 116 0.13 -10.59 -16.47
C PRO B 116 0.51 -10.07 -17.86
N LEU B 117 -0.27 -9.13 -18.39
CA LEU B 117 0.02 -8.60 -19.71
C LEU B 117 1.39 -7.92 -19.69
N LEU B 118 1.66 -7.15 -18.65
CA LEU B 118 2.95 -6.47 -18.55
C LEU B 118 4.10 -7.46 -18.38
N LEU B 119 3.86 -8.53 -17.62
CA LEU B 119 4.87 -9.56 -17.38
C LEU B 119 5.40 -10.24 -18.64
N ARG B 120 4.50 -10.69 -19.50
CA ARG B 120 4.92 -11.40 -20.71
C ARG B 120 5.31 -10.56 -21.93
N LEU B 121 5.30 -9.24 -21.78
CA LEU B 121 5.66 -8.38 -22.90
C LEU B 121 7.00 -8.71 -23.53
N GLY B 122 7.02 -8.67 -24.86
CA GLY B 122 8.24 -8.95 -25.59
C GLY B 122 9.13 -7.74 -25.47
N PRO B 123 10.26 -7.71 -26.19
CA PRO B 123 11.18 -6.59 -26.12
C PRO B 123 10.64 -5.30 -26.73
N GLU B 124 11.22 -4.18 -26.32
CA GLU B 124 10.85 -2.88 -26.83
C GLU B 124 11.31 -2.81 -28.28
N PRO B 125 10.36 -2.68 -29.23
CA PRO B 125 10.62 -2.61 -30.68
C PRO B 125 11.72 -1.63 -31.10
N LEU B 126 11.75 -0.47 -30.45
CA LEU B 126 12.73 0.54 -30.79
C LEU B 126 13.99 0.47 -29.93
N SER B 127 14.27 -0.71 -29.37
CA SER B 127 15.47 -0.89 -28.55
C SER B 127 16.32 -2.03 -29.10
N GLU B 128 17.53 -2.16 -28.59
CA GLU B 128 18.45 -3.20 -29.05
C GLU B 128 17.98 -4.60 -28.63
N ALA B 129 17.02 -4.65 -27.71
CA ALA B 129 16.49 -5.93 -27.25
C ALA B 129 15.64 -6.58 -28.34
N PHE B 130 15.09 -5.79 -29.23
CA PHE B 130 14.28 -6.34 -30.32
C PHE B 130 15.22 -6.69 -31.48
N ALA B 131 15.78 -7.89 -31.44
CA ALA B 131 16.71 -8.34 -32.46
C ALA B 131 16.05 -9.30 -33.45
N PHE B 132 16.48 -9.23 -34.71
CA PHE B 132 15.90 -10.09 -35.72
C PHE B 132 15.98 -11.59 -35.42
N PRO B 133 17.13 -12.07 -34.91
CA PRO B 133 17.24 -13.50 -34.60
C PRO B 133 16.07 -14.00 -33.76
N GLY B 134 15.84 -13.36 -32.62
CA GLY B 134 14.75 -13.76 -31.76
C GLY B 134 13.40 -13.54 -32.43
N PHE B 135 13.31 -12.48 -33.24
CA PHE B 135 12.05 -12.17 -33.92
C PHE B 135 11.72 -13.30 -34.90
N PHE B 136 12.73 -13.69 -35.69
CA PHE B 136 12.55 -14.76 -36.66
C PHE B 136 12.16 -16.06 -35.96
N ARG B 137 12.82 -16.34 -34.84
CA ARG B 137 12.54 -17.56 -34.07
C ARG B 137 11.07 -17.59 -33.69
N GLY B 138 10.62 -16.50 -33.08
CA GLY B 138 9.23 -16.41 -32.66
C GLY B 138 8.21 -16.61 -33.76
N LEU B 139 8.50 -16.08 -34.94
CA LEU B 139 7.57 -16.23 -36.06
C LEU B 139 7.48 -17.69 -36.50
N LYS B 140 8.63 -18.34 -36.67
CA LYS B 140 8.64 -19.73 -37.09
C LYS B 140 8.02 -20.64 -36.02
N GLU B 141 7.95 -20.15 -34.79
CA GLU B 141 7.37 -20.93 -33.69
C GLU B 141 5.86 -20.84 -33.69
N SER B 142 5.28 -20.11 -34.65
CA SER B 142 3.84 -19.97 -34.68
C SER B 142 3.21 -20.20 -36.05
N ALA B 143 2.03 -20.82 -36.04
CA ALA B 143 1.30 -21.12 -37.25
C ALA B 143 0.08 -20.21 -37.35
N ARG B 144 -0.12 -19.41 -36.31
CA ARG B 144 -1.25 -18.48 -36.27
C ARG B 144 -1.03 -17.35 -37.27
N PRO B 145 -2.09 -16.62 -37.60
CA PRO B 145 -1.95 -15.52 -38.56
C PRO B 145 -0.88 -14.52 -38.12
N LEU B 146 -0.13 -14.00 -39.09
CA LEU B 146 0.94 -13.04 -38.85
C LEU B 146 0.49 -11.81 -38.05
N LYS B 147 -0.64 -11.25 -38.43
CA LYS B 147 -1.20 -10.08 -37.76
C LYS B 147 -1.49 -10.39 -36.30
N ALA B 148 -2.30 -11.43 -36.07
CA ALA B 148 -2.68 -11.84 -34.71
C ALA B 148 -1.46 -12.00 -33.81
N LEU B 149 -0.43 -12.67 -34.31
CA LEU B 149 0.78 -12.88 -33.53
C LEU B 149 1.41 -11.56 -33.11
N LEU B 150 1.50 -10.62 -34.04
CA LEU B 150 2.07 -9.32 -33.72
C LEU B 150 1.30 -8.63 -32.59
N LEU B 151 -0.02 -8.80 -32.59
CA LEU B 151 -0.88 -8.19 -31.57
C LEU B 151 -0.74 -8.82 -30.18
N ASP B 152 -0.13 -9.99 -30.11
CA ASP B 152 0.07 -10.66 -28.82
C ASP B 152 1.18 -9.96 -28.04
N GLN B 153 1.95 -9.14 -28.75
CA GLN B 153 3.03 -8.37 -28.15
C GLN B 153 4.12 -9.19 -27.46
N ARG B 154 4.28 -10.44 -27.86
CA ARG B 154 5.32 -11.26 -27.24
C ARG B 154 6.60 -11.14 -28.05
N LEU B 155 6.45 -10.81 -29.33
CA LEU B 155 7.59 -10.64 -30.23
C LEU B 155 8.04 -9.18 -30.22
N ALA B 156 7.09 -8.27 -30.00
CA ALA B 156 7.38 -6.85 -29.97
C ALA B 156 6.28 -6.16 -29.17
N ALA B 157 6.65 -5.51 -28.08
CA ALA B 157 5.69 -4.84 -27.23
C ALA B 157 5.17 -3.53 -27.82
N GLY B 158 3.91 -3.21 -27.51
CA GLY B 158 3.33 -1.96 -27.97
C GLY B 158 2.68 -1.89 -29.35
N VAL B 159 2.77 -2.96 -30.14
CA VAL B 159 2.20 -2.96 -31.48
C VAL B 159 0.69 -3.23 -31.46
N GLY B 160 -0.07 -2.35 -32.09
CA GLY B 160 -1.52 -2.51 -32.15
C GLY B 160 -1.99 -2.63 -33.58
N ASN B 161 -3.27 -2.33 -33.82
CA ASN B 161 -3.82 -2.41 -35.17
C ASN B 161 -3.21 -1.43 -36.16
N ILE B 162 -3.13 -0.16 -35.79
CA ILE B 162 -2.58 0.83 -36.69
C ILE B 162 -1.20 0.45 -37.20
N TYR B 163 -0.26 0.26 -36.29
CA TYR B 163 1.08 -0.03 -36.71
C TYR B 163 1.33 -1.42 -37.27
N ALA B 164 0.51 -2.40 -36.88
CA ALA B 164 0.67 -3.73 -37.45
C ALA B 164 0.20 -3.61 -38.91
N ASP B 165 -0.95 -2.95 -39.12
CA ASP B 165 -1.47 -2.77 -40.47
C ASP B 165 -0.50 -2.01 -41.36
N GLU B 166 0.07 -0.92 -40.85
CA GLU B 166 0.99 -0.12 -41.65
C GLU B 166 2.31 -0.82 -41.92
N ALA B 167 2.78 -1.61 -40.95
CA ALA B 167 4.04 -2.35 -41.11
C ALA B 167 3.85 -3.49 -42.12
N LEU B 168 2.73 -4.19 -42.04
CA LEU B 168 2.48 -5.27 -42.98
C LEU B 168 2.37 -4.74 -44.41
N PHE B 169 1.76 -3.56 -44.59
CA PHE B 169 1.66 -2.99 -45.93
C PHE B 169 3.03 -2.56 -46.39
N ARG B 170 3.80 -1.96 -45.48
CA ARG B 170 5.14 -1.50 -45.79
C ARG B 170 6.00 -2.66 -46.27
N ALA B 171 5.91 -3.79 -45.56
CA ALA B 171 6.69 -4.97 -45.90
C ALA B 171 6.05 -5.80 -47.01
N ARG B 172 4.87 -5.37 -47.46
CA ARG B 172 4.13 -6.05 -48.53
C ARG B 172 3.88 -7.51 -48.17
N LEU B 173 3.31 -7.72 -46.99
CA LEU B 173 3.03 -9.07 -46.51
C LEU B 173 1.57 -9.19 -46.10
N SER B 174 0.97 -10.35 -46.38
CA SER B 174 -0.41 -10.59 -46.00
C SER B 174 -0.52 -10.67 -44.49
N PRO B 175 -1.51 -9.99 -43.91
CA PRO B 175 -1.72 -9.98 -42.46
C PRO B 175 -2.29 -11.32 -41.99
N PHE B 176 -2.88 -12.06 -42.93
CA PHE B 176 -3.52 -13.32 -42.61
C PHE B 176 -2.73 -14.62 -42.80
N ARG B 177 -1.61 -14.57 -43.50
CA ARG B 177 -0.81 -15.77 -43.71
C ARG B 177 -0.12 -16.22 -42.41
N PRO B 178 0.16 -17.53 -42.28
CA PRO B 178 0.82 -18.10 -41.10
C PRO B 178 2.14 -17.39 -40.82
N ALA B 179 2.38 -17.06 -39.56
CA ALA B 179 3.61 -16.36 -39.20
C ALA B 179 4.87 -17.09 -39.67
N ARG B 180 4.91 -18.40 -39.44
CA ARG B 180 6.07 -19.20 -39.83
C ARG B 180 6.20 -19.41 -41.33
N SER B 181 5.21 -18.95 -42.11
CA SER B 181 5.28 -19.09 -43.55
C SER B 181 6.23 -18.07 -44.15
N LEU B 182 6.75 -17.17 -43.32
CA LEU B 182 7.66 -16.14 -43.80
C LEU B 182 9.08 -16.62 -44.03
N THR B 183 9.66 -16.20 -45.15
CA THR B 183 11.02 -16.56 -45.48
C THR B 183 11.89 -15.57 -44.73
N GLU B 184 13.17 -15.88 -44.60
CA GLU B 184 14.07 -14.98 -43.90
C GLU B 184 14.02 -13.60 -44.56
N GLU B 185 13.96 -13.58 -45.89
CA GLU B 185 13.90 -12.34 -46.65
C GLU B 185 12.65 -11.54 -46.25
N GLU B 186 11.51 -12.22 -46.19
CA GLU B 186 10.26 -11.60 -45.83
C GLU B 186 10.24 -11.12 -44.37
N ALA B 187 10.61 -12.02 -43.47
CA ALA B 187 10.66 -11.70 -42.05
C ALA B 187 11.54 -10.48 -41.83
N ARG B 188 12.63 -10.39 -42.58
CA ARG B 188 13.52 -9.24 -42.46
C ARG B 188 12.82 -7.96 -42.88
N ARG B 189 12.00 -8.04 -43.92
CA ARG B 189 11.27 -6.85 -44.39
C ARG B 189 10.29 -6.39 -43.32
N LEU B 190 9.62 -7.34 -42.66
CA LEU B 190 8.65 -6.98 -41.62
C LEU B 190 9.36 -6.42 -40.39
N TYR B 191 10.51 -6.99 -40.08
CA TYR B 191 11.30 -6.55 -38.93
C TYR B 191 11.64 -5.07 -39.10
N ARG B 192 12.10 -4.72 -40.29
CA ARG B 192 12.49 -3.35 -40.59
C ARG B 192 11.27 -2.41 -40.69
N ALA B 193 10.21 -2.89 -41.33
CA ALA B 193 9.02 -2.08 -41.51
C ALA B 193 8.42 -1.70 -40.16
N LEU B 194 8.34 -2.70 -39.28
CA LEU B 194 7.80 -2.51 -37.95
C LEU B 194 8.61 -1.44 -37.19
N ARG B 195 9.94 -1.57 -37.22
CA ARG B 195 10.81 -0.61 -36.55
C ARG B 195 10.74 0.79 -37.17
N GLU B 196 10.72 0.85 -38.50
CA GLU B 196 10.66 2.14 -39.17
C GLU B 196 9.31 2.83 -38.98
N VAL B 197 8.22 2.06 -39.05
CA VAL B 197 6.90 2.63 -38.88
C VAL B 197 6.72 3.18 -37.47
N LEU B 198 7.17 2.43 -36.47
CA LEU B 198 7.06 2.85 -35.08
C LEU B 198 7.91 4.09 -34.81
N ALA B 199 9.13 4.10 -35.34
CA ALA B 199 10.01 5.23 -35.11
C ALA B 199 9.43 6.50 -35.73
N GLU B 200 8.97 6.40 -36.98
CA GLU B 200 8.37 7.54 -37.68
C GLU B 200 7.18 8.06 -36.90
N ALA B 201 6.33 7.14 -36.46
CA ALA B 201 5.14 7.50 -35.70
C ALA B 201 5.54 8.29 -34.45
N VAL B 202 6.54 7.81 -33.72
CA VAL B 202 6.97 8.52 -32.53
C VAL B 202 7.44 9.91 -32.90
N GLU B 203 8.20 10.02 -33.99
CA GLU B 203 8.70 11.32 -34.44
C GLU B 203 7.59 12.31 -34.76
N LEU B 204 6.47 11.80 -35.28
CA LEU B 204 5.35 12.66 -35.64
C LEU B 204 4.30 12.84 -34.53
N GLY B 205 4.66 12.42 -33.33
CA GLY B 205 3.76 12.57 -32.19
C GLY B 205 2.56 11.64 -32.20
N GLY B 206 2.68 10.51 -32.89
CA GLY B 206 1.59 9.56 -32.95
C GLY B 206 0.53 9.86 -33.99
N SER B 207 -0.51 9.03 -34.04
CA SER B 207 -1.59 9.23 -35.01
C SER B 207 -2.85 9.77 -34.35
N THR B 208 -3.53 10.68 -35.04
CA THR B 208 -4.76 11.28 -34.52
C THR B 208 -5.83 11.16 -35.60
N LEU B 209 -6.92 10.47 -35.28
CA LEU B 209 -8.00 10.27 -36.24
C LEU B 209 -9.33 10.99 -35.93
N SER B 210 -10.43 10.38 -36.35
CA SER B 210 -11.78 10.91 -36.17
C SER B 210 -12.24 11.01 -34.72
N ASP B 211 -12.79 9.91 -34.21
CA ASP B 211 -13.28 9.86 -32.84
C ASP B 211 -12.31 10.57 -31.91
N GLN B 212 -11.02 10.43 -32.21
CA GLN B 212 -9.97 11.06 -31.42
C GLN B 212 -10.18 10.79 -29.94
N SER B 213 -10.68 9.60 -29.61
CA SER B 213 -10.90 9.26 -28.20
C SER B 213 -9.64 9.61 -27.41
N TYR B 214 -8.52 9.03 -27.84
CA TYR B 214 -7.25 9.27 -27.19
C TYR B 214 -6.63 10.61 -27.61
N ARG B 215 -6.36 11.45 -26.63
CA ARG B 215 -5.74 12.74 -26.90
C ARG B 215 -4.50 12.88 -26.04
N GLN B 216 -3.52 13.61 -26.54
CA GLN B 216 -2.31 13.84 -25.77
C GLN B 216 -2.70 14.86 -24.69
N PRO B 217 -1.98 14.87 -23.56
CA PRO B 217 -2.31 15.82 -22.50
C PRO B 217 -2.28 17.30 -22.90
N ASP B 218 -1.44 17.67 -23.87
CA ASP B 218 -1.39 19.08 -24.28
C ASP B 218 -2.36 19.39 -25.41
N GLY B 219 -3.09 18.39 -25.86
CA GLY B 219 -4.06 18.59 -26.93
C GLY B 219 -3.47 18.75 -28.32
N LEU B 220 -2.16 18.58 -28.46
CA LEU B 220 -1.54 18.71 -29.77
C LEU B 220 -1.72 17.40 -30.55
N PRO B 221 -2.43 17.47 -31.69
CA PRO B 221 -2.69 16.31 -32.55
C PRO B 221 -1.41 15.70 -33.12
N GLY B 222 -1.42 14.40 -33.34
CA GLY B 222 -0.26 13.76 -33.92
C GLY B 222 -0.27 14.03 -35.43
N GLY B 223 0.78 13.57 -36.12
CA GLY B 223 0.85 13.78 -37.55
C GLY B 223 1.16 12.54 -38.35
N PHE B 224 1.29 11.39 -37.70
CA PHE B 224 1.60 10.19 -38.46
C PHE B 224 0.44 9.76 -39.34
N GLN B 225 -0.76 10.22 -39.01
CA GLN B 225 -1.93 9.88 -39.81
C GLN B 225 -1.75 10.32 -41.27
N THR B 226 -0.84 11.26 -41.51
CA THR B 226 -0.58 11.73 -42.87
C THR B 226 0.27 10.71 -43.64
N ARG B 227 0.81 9.71 -42.93
CA ARG B 227 1.63 8.69 -43.57
C ARG B 227 0.89 7.35 -43.71
N HIS B 228 -0.33 7.29 -43.17
CA HIS B 228 -1.11 6.06 -43.25
C HIS B 228 -1.35 5.66 -44.70
N ALA B 229 -0.96 4.43 -45.03
CA ALA B 229 -1.17 3.92 -46.39
C ALA B 229 -2.46 3.13 -46.44
N VAL B 230 -2.75 2.39 -45.37
CA VAL B 230 -3.95 1.58 -45.37
C VAL B 230 -4.89 1.78 -44.18
N TYR B 231 -4.34 1.93 -42.98
CA TYR B 231 -5.21 2.10 -41.82
C TYR B 231 -6.17 3.27 -41.96
N GLY B 232 -7.43 3.02 -41.66
CA GLY B 232 -8.46 4.06 -41.76
C GLY B 232 -8.69 4.58 -43.17
N ARG B 233 -8.26 3.84 -44.19
CA ARG B 233 -8.44 4.28 -45.57
C ARG B 233 -9.24 3.30 -46.43
N GLU B 234 -10.10 2.51 -45.77
CA GLU B 234 -10.95 1.55 -46.46
C GLU B 234 -11.67 2.24 -47.61
N GLY B 235 -11.66 1.60 -48.78
CA GLY B 235 -12.34 2.15 -49.94
C GLY B 235 -11.51 3.17 -50.70
N LEU B 236 -10.45 3.67 -50.07
CA LEU B 236 -9.59 4.65 -50.73
C LEU B 236 -8.49 3.93 -51.51
N PRO B 237 -7.93 4.60 -52.53
CA PRO B 237 -6.85 4.02 -53.36
C PRO B 237 -5.58 3.65 -52.62
N CYS B 238 -5.08 2.44 -52.88
CA CYS B 238 -3.83 1.99 -52.29
C CYS B 238 -2.80 2.96 -52.82
N PRO B 239 -1.93 3.49 -51.96
CA PRO B 239 -0.92 4.45 -52.43
C PRO B 239 0.11 3.85 -53.38
N ALA B 240 0.14 2.53 -53.49
CA ALA B 240 1.10 1.89 -54.38
C ALA B 240 0.52 1.49 -55.74
N CYS B 241 -0.67 0.88 -55.73
CA CYS B 241 -1.29 0.44 -56.97
C CYS B 241 -2.63 1.09 -57.34
N GLY B 242 -3.15 1.95 -56.47
CA GLY B 242 -4.41 2.61 -56.76
C GLY B 242 -5.67 1.82 -56.48
N ARG B 243 -5.52 0.54 -56.13
CA ARG B 243 -6.66 -0.31 -55.83
C ARG B 243 -7.26 0.10 -54.48
N PRO B 244 -8.59 0.09 -54.36
CA PRO B 244 -9.24 0.47 -53.10
C PRO B 244 -8.78 -0.40 -51.92
N VAL B 245 -8.35 0.25 -50.85
CA VAL B 245 -7.89 -0.46 -49.67
C VAL B 245 -9.05 -1.25 -49.10
N GLU B 246 -8.76 -2.47 -48.68
CA GLU B 246 -9.77 -3.36 -48.10
C GLU B 246 -9.63 -3.39 -46.59
N ARG B 247 -10.76 -3.57 -45.90
CA ARG B 247 -10.78 -3.68 -44.43
C ARG B 247 -11.55 -4.94 -44.12
N ARG B 248 -10.85 -5.99 -43.70
CA ARG B 248 -11.53 -7.22 -43.37
C ARG B 248 -11.57 -7.41 -41.87
N VAL B 249 -12.74 -7.80 -41.37
CA VAL B 249 -12.92 -8.03 -39.95
C VAL B 249 -12.94 -9.53 -39.72
N VAL B 250 -11.96 -10.01 -38.96
CA VAL B 250 -11.84 -11.44 -38.67
C VAL B 250 -11.73 -11.63 -37.16
N ALA B 251 -12.58 -12.50 -36.63
CA ALA B 251 -12.56 -12.76 -35.19
C ALA B 251 -12.71 -11.45 -34.42
N GLY B 252 -13.55 -10.56 -34.95
CA GLY B 252 -13.79 -9.28 -34.30
C GLY B 252 -12.68 -8.26 -34.49
N ARG B 253 -11.58 -8.66 -35.12
CA ARG B 253 -10.45 -7.77 -35.34
C ARG B 253 -10.44 -7.22 -36.77
N GLY B 254 -10.46 -5.90 -36.90
CA GLY B 254 -10.43 -5.29 -38.21
C GLY B 254 -9.01 -5.10 -38.73
N THR B 255 -8.80 -5.36 -40.01
CA THR B 255 -7.48 -5.19 -40.60
C THR B 255 -7.55 -4.49 -41.97
N HIS B 256 -6.76 -3.45 -42.13
CA HIS B 256 -6.71 -2.72 -43.40
C HIS B 256 -5.53 -3.26 -44.21
N PHE B 257 -5.74 -3.41 -45.51
CA PHE B 257 -4.69 -3.93 -46.39
C PHE B 257 -5.07 -3.79 -47.86
N CYS B 258 -4.08 -3.95 -48.73
CA CYS B 258 -4.30 -3.92 -50.16
C CYS B 258 -4.18 -5.36 -50.62
N PRO B 259 -5.25 -5.94 -51.18
CA PRO B 259 -5.22 -7.33 -51.66
C PRO B 259 -4.08 -7.59 -52.65
N THR B 260 -3.87 -6.64 -53.56
CA THR B 260 -2.85 -6.76 -54.58
C THR B 260 -1.42 -6.72 -54.04
N CYS B 261 -1.11 -5.67 -53.30
CA CYS B 261 0.23 -5.50 -52.74
C CYS B 261 0.58 -6.44 -51.60
N GLN B 262 -0.43 -6.99 -50.93
CA GLN B 262 -0.18 -7.88 -49.81
C GLN B 262 -0.62 -9.33 -50.05
N GLY B 263 -0.75 -9.70 -51.33
CA GLY B 263 -1.12 -11.05 -51.71
C GLY B 263 -2.34 -11.68 -51.06
N GLU B 264 -3.47 -11.00 -51.14
CA GLU B 264 -4.70 -11.50 -50.54
C GLU B 264 -5.93 -11.13 -51.35
N GLY B 265 -6.96 -10.65 -50.67
CA GLY B 265 -8.20 -10.24 -51.33
C GLY B 265 -8.83 -11.29 -52.23
N PRO B 266 -9.93 -10.94 -52.90
CA PRO B 266 -10.67 -11.83 -53.80
C PRO B 266 -10.01 -11.96 -55.18
#